data_4UCD
#
_entry.id   4UCD
#
_cell.length_a   34.680
_cell.length_b   71.940
_cell.length_c   178.550
_cell.angle_alpha   90.00
_cell.angle_beta   90.00
_cell.angle_gamma   90.00
#
_symmetry.space_group_name_H-M   'P 21 21 21'
#
loop_
_entity.id
_entity.type
_entity.pdbx_description
1 polymer NUCLEOPROTEIN
2 non-polymer '1-[(2-chlorophenyl)methyl]pyrazole-3,5-dicarboxylic acid'
3 non-polymer 'SULFATE ION'
4 water water
#
_entity_poly.entity_id   1
_entity_poly.type   'polypeptide(L)'
_entity_poly.pdbx_seq_one_letter_code
;MGSDSIDTPNYDVQKHINKLCGMLLITEDANHKFTGLIGMLYAMSRLGREDTIKILRDAGYHVKANGVDVTTHRQDINGK
EMKFEVLTLASLTTEIQINIEIESRKSYKKMLKEMGEVAPEYRHDSPDCGMIILCIAALVITKLAAGDRSGLTAVIRRAN
NVLKNEMKRYKGLLPKDIANSFYEVFEKHPHFIDVFVHFGIAQSSTRGGSRVEGIFAGLFMNAYGLEHHHHHH
;
_entity_poly.pdbx_strand_id   A,B
#
loop_
_chem_comp.id
_chem_comp.type
_chem_comp.name
_chem_comp.formula
M81 non-polymer '1-[(2-chlorophenyl)methyl]pyrazole-3,5-dicarboxylic acid' 'C12 H9 Cl N2 O4'
SO4 non-polymer 'SULFATE ION' 'O4 S -2'
#
# COMPACT_ATOMS: atom_id res chain seq x y z
N SER A 5 5.91 10.62 36.06
CA SER A 5 6.45 9.28 35.81
C SER A 5 6.81 9.07 34.34
N ILE A 6 8.12 9.03 34.01
CA ILE A 6 8.64 8.85 32.64
C ILE A 6 9.45 7.56 32.51
N ASP A 7 9.15 6.75 31.49
CA ASP A 7 9.92 5.52 31.23
C ASP A 7 11.26 5.88 30.66
N THR A 8 12.34 5.32 31.25
CA THR A 8 13.69 5.60 30.80
C THR A 8 14.38 4.28 30.46
N PRO A 9 14.14 3.76 29.22
CA PRO A 9 14.78 2.50 28.83
C PRO A 9 16.30 2.63 28.74
N ASN A 10 17.02 1.59 29.16
CA ASN A 10 18.47 1.57 29.06
C ASN A 10 18.90 0.77 27.81
N TYR A 11 20.21 0.69 27.53
CA TYR A 11 20.79 0.00 26.38
C TYR A 11 20.32 -1.45 26.25
N ASP A 12 20.13 -2.15 27.35
CA ASP A 12 19.71 -3.54 27.38
C ASP A 12 18.36 -3.86 26.67
N VAL A 13 17.43 -2.88 26.52
CA VAL A 13 16.12 -3.14 25.90
C VAL A 13 16.02 -2.54 24.47
N GLN A 14 17.14 -2.02 23.94
CA GLN A 14 17.23 -1.47 22.60
C GLN A 14 16.80 -2.48 21.51
N LYS A 15 17.29 -3.75 21.58
CA LYS A 15 16.94 -4.79 20.61
C LYS A 15 15.43 -5.08 20.67
N HIS A 16 14.86 -5.14 21.90
CA HIS A 16 13.44 -5.36 22.07
C HIS A 16 12.59 -4.25 21.45
N ILE A 17 12.94 -2.97 21.72
CA ILE A 17 12.22 -1.84 21.16
C ILE A 17 12.33 -1.79 19.63
N ASN A 18 13.50 -2.16 19.08
CA ASN A 18 13.68 -2.16 17.63
C ASN A 18 12.72 -3.17 16.98
N LYS A 19 12.53 -4.32 17.63
CA LYS A 19 11.66 -5.41 17.17
C LYS A 19 10.18 -4.96 17.22
N LEU A 20 9.84 -4.17 18.24
CA LEU A 20 8.50 -3.58 18.39
C LEU A 20 8.22 -2.62 17.21
N CYS A 21 9.24 -1.82 16.82
CA CYS A 21 9.16 -0.93 15.67
C CYS A 21 8.95 -1.79 14.41
N GLY A 22 9.72 -2.88 14.27
CA GLY A 22 9.65 -3.78 13.13
C GLY A 22 8.31 -4.48 12.96
N MET A 23 7.69 -4.82 14.08
CA MET A 23 6.38 -5.45 14.13
C MET A 23 5.33 -4.54 13.54
N LEU A 24 5.40 -3.23 13.84
CA LEU A 24 4.50 -2.21 13.26
C LEU A 24 4.77 -2.01 11.78
N LEU A 25 6.06 -1.99 11.36
CA LEU A 25 6.48 -1.82 9.96
C LEU A 25 6.01 -2.95 9.05
N ILE A 26 5.91 -4.19 9.57
CA ILE A 26 5.43 -5.30 8.73
C ILE A 26 3.89 -5.43 8.79
N THR A 27 3.19 -4.63 9.63
CA THR A 27 1.75 -4.77 9.76
C THR A 27 0.98 -4.02 8.66
N GLU A 28 0.17 -4.77 7.87
CA GLU A 28 -0.68 -4.23 6.83
C GLU A 28 -1.70 -3.35 7.50
N ASP A 29 -1.81 -2.07 7.06
CA ASP A 29 -2.77 -1.11 7.63
C ASP A 29 -2.62 -1.03 9.18
N ALA A 30 -1.35 -0.90 9.62
CA ALA A 30 -1.00 -0.83 11.03
C ALA A 30 -1.64 0.40 11.69
N ASN A 31 -1.99 0.25 12.99
CA ASN A 31 -2.49 1.34 13.81
C ASN A 31 -1.24 2.02 14.38
N HIS A 32 -0.94 3.24 13.91
CA HIS A 32 0.23 4.00 14.32
C HIS A 32 0.00 4.99 15.48
N LYS A 33 -1.06 4.76 16.26
CA LYS A 33 -1.38 5.53 17.47
C LYS A 33 -0.23 5.58 18.48
N PHE A 34 0.53 4.51 18.60
CA PHE A 34 1.63 4.45 19.59
C PHE A 34 3.05 4.54 19.02
N THR A 35 3.17 4.77 17.71
CA THR A 35 4.45 4.79 17.01
C THR A 35 5.34 5.95 17.43
N GLY A 36 4.74 7.13 17.65
CA GLY A 36 5.45 8.31 18.12
C GLY A 36 6.14 8.03 19.46
N LEU A 37 5.41 7.42 20.40
CA LEU A 37 5.94 7.06 21.72
C LEU A 37 7.00 5.95 21.63
N ILE A 38 6.73 4.90 20.83
CA ILE A 38 7.64 3.78 20.62
C ILE A 38 8.96 4.25 19.98
N GLY A 39 8.86 5.17 19.01
CA GLY A 39 10.02 5.75 18.35
C GLY A 39 10.87 6.51 19.36
N MET A 40 10.21 7.29 20.24
CA MET A 40 10.85 8.05 21.33
C MET A 40 11.48 7.13 22.36
N LEU A 41 10.86 5.96 22.66
CA LEU A 41 11.42 4.93 23.54
C LEU A 41 12.72 4.37 22.93
N TYR A 42 12.73 4.11 21.61
CA TYR A 42 13.92 3.64 20.91
C TYR A 42 15.05 4.67 21.01
N ALA A 43 14.77 5.96 20.78
CA ALA A 43 15.77 7.03 20.89
C ALA A 43 16.38 7.08 22.29
N MET A 44 15.55 6.96 23.35
CA MET A 44 15.96 6.92 24.76
C MET A 44 16.84 5.69 25.06
N SER A 45 16.51 4.49 24.52
CA SER A 45 17.32 3.27 24.72
C SER A 45 18.68 3.38 24.01
N ARG A 46 18.77 4.21 22.96
CA ARG A 46 20.02 4.47 22.21
C ARG A 46 20.86 5.45 23.01
N LEU A 47 20.22 6.46 23.65
CA LEU A 47 20.90 7.47 24.47
C LEU A 47 21.35 6.85 25.80
N GLY A 48 20.55 5.90 26.29
CA GLY A 48 20.73 5.22 27.56
C GLY A 48 19.99 5.94 28.65
N ARG A 49 19.66 5.21 29.74
CA ARG A 49 18.98 5.75 30.93
C ARG A 49 19.70 6.95 31.53
N GLU A 50 21.02 6.86 31.74
CA GLU A 50 21.81 7.93 32.38
C GLU A 50 21.74 9.25 31.62
N ASP A 51 22.01 9.22 30.30
CA ASP A 51 21.97 10.40 29.45
C ASP A 51 20.58 10.98 29.35
N THR A 52 19.54 10.11 29.31
CA THR A 52 18.13 10.54 29.22
C THR A 52 17.74 11.34 30.44
N ILE A 53 18.01 10.83 31.66
CA ILE A 53 17.69 11.52 32.93
C ILE A 53 18.45 12.86 33.03
N LYS A 54 19.71 12.88 32.57
CA LYS A 54 20.59 14.05 32.54
C LYS A 54 19.98 15.14 31.63
N ILE A 55 19.52 14.77 30.40
CA ILE A 55 18.89 15.66 29.43
C ILE A 55 17.64 16.31 30.03
N LEU A 56 16.73 15.50 30.59
CA LEU A 56 15.48 15.98 31.20
C LEU A 56 15.72 16.91 32.39
N ARG A 57 16.59 16.51 33.33
CA ARG A 57 16.92 17.35 34.48
C ARG A 57 17.55 18.69 34.06
N ASP A 58 18.49 18.64 33.10
CA ASP A 58 19.17 19.83 32.56
C ASP A 58 18.22 20.73 31.78
N ALA A 59 17.18 20.14 31.15
CA ALA A 59 16.19 20.92 30.40
C ALA A 59 15.16 21.57 31.33
N GLY A 60 15.20 21.23 32.62
CA GLY A 60 14.32 21.78 33.65
C GLY A 60 13.15 20.92 34.05
N TYR A 61 12.96 19.76 33.38
CA TYR A 61 11.86 18.85 33.67
C TYR A 61 12.13 18.02 34.94
N HIS A 62 11.06 17.76 35.74
CA HIS A 62 11.14 16.93 36.96
CA HIS A 62 11.12 16.94 36.96
C HIS A 62 10.94 15.47 36.51
N VAL A 63 11.85 14.58 36.90
CA VAL A 63 11.69 13.20 36.43
C VAL A 63 11.71 12.13 37.51
N LYS A 64 10.63 11.33 37.50
CA LYS A 64 10.41 10.14 38.32
C LYS A 64 10.69 9.00 37.33
N ALA A 65 11.95 8.53 37.31
CA ALA A 65 12.38 7.50 36.37
C ALA A 65 11.83 6.08 36.66
N ASN A 66 11.18 5.49 35.63
CA ASN A 66 10.63 4.14 35.66
C ASN A 66 11.58 3.22 34.90
N GLY A 67 12.06 2.20 35.60
CA GLY A 67 12.94 1.18 35.05
C GLY A 67 12.21 0.31 34.04
N VAL A 68 12.86 0.04 32.92
CA VAL A 68 12.28 -0.75 31.86
C VAL A 68 12.97 -2.10 31.75
N ASP A 69 12.24 -3.18 32.06
CA ASP A 69 12.74 -4.55 31.97
C ASP A 69 11.85 -5.39 31.06
N VAL A 70 12.42 -6.48 30.53
CA VAL A 70 11.70 -7.44 29.70
C VAL A 70 11.11 -8.49 30.62
N THR A 71 9.80 -8.75 30.49
CA THR A 71 9.08 -9.76 31.26
C THR A 71 8.30 -10.67 30.33
N THR A 72 8.11 -11.94 30.75
CA THR A 72 7.36 -12.92 29.97
C THR A 72 5.94 -12.90 30.51
N HIS A 73 4.98 -12.62 29.63
CA HIS A 73 3.57 -12.57 29.95
C HIS A 73 2.84 -13.71 29.29
N ARG A 74 2.08 -14.43 30.09
CA ARG A 74 1.28 -15.57 29.65
C ARG A 74 -0.12 -15.06 29.35
N GLN A 75 -0.62 -15.31 28.12
CA GLN A 75 -1.95 -14.86 27.70
C GLN A 75 -2.62 -15.84 26.75
N ASP A 76 -3.92 -16.06 26.98
CA ASP A 76 -4.78 -16.97 26.23
C ASP A 76 -5.32 -16.29 24.95
N ILE A 77 -4.86 -16.78 23.78
CA ILE A 77 -5.29 -16.29 22.47
C ILE A 77 -5.74 -17.47 21.63
N ASN A 78 -7.05 -17.46 21.29
CA ASN A 78 -7.79 -18.48 20.53
C ASN A 78 -7.82 -19.86 21.26
N GLY A 79 -8.01 -19.80 22.58
CA GLY A 79 -8.08 -20.96 23.47
C GLY A 79 -6.75 -21.49 23.97
N LYS A 80 -5.68 -21.28 23.17
CA LYS A 80 -4.30 -21.71 23.44
C LYS A 80 -3.51 -20.64 24.21
N GLU A 81 -2.77 -21.08 25.26
CA GLU A 81 -1.93 -20.23 26.10
C GLU A 81 -0.69 -19.83 25.31
N MET A 82 -0.32 -18.54 25.34
CA MET A 82 0.85 -18.03 24.61
C MET A 82 1.75 -17.21 25.51
N LYS A 83 3.08 -17.30 25.27
CA LYS A 83 4.10 -16.57 26.02
C LYS A 83 4.61 -15.40 25.19
N PHE A 84 4.51 -14.19 25.72
CA PHE A 84 4.92 -12.97 25.06
C PHE A 84 5.99 -12.26 25.84
N GLU A 85 6.99 -11.74 25.15
CA GLU A 85 8.03 -10.94 25.80
C GLU A 85 7.57 -9.49 25.70
N VAL A 86 7.34 -8.87 26.85
CA VAL A 86 6.84 -7.49 26.94
C VAL A 86 7.74 -6.61 27.82
N LEU A 87 7.62 -5.29 27.66
CA LEU A 87 8.42 -4.39 28.45
C LEU A 87 7.55 -3.78 29.54
N THR A 88 8.14 -3.58 30.73
CA THR A 88 7.45 -2.97 31.87
C THR A 88 7.45 -1.45 31.62
N LEU A 89 6.39 -0.96 30.97
CA LEU A 89 6.27 0.44 30.56
C LEU A 89 5.01 1.06 31.14
N ALA A 90 5.15 2.21 31.83
CA ALA A 90 4.02 2.93 32.40
C ALA A 90 3.20 3.63 31.27
N SER A 91 3.87 4.01 30.19
CA SER A 91 3.33 4.71 29.05
C SER A 91 2.67 3.78 27.96
N LEU A 92 2.93 2.46 28.02
CA LEU A 92 2.42 1.46 27.07
C LEU A 92 2.02 0.14 27.76
N THR A 93 0.71 -0.16 27.85
CA THR A 93 0.19 -1.39 28.49
C THR A 93 0.69 -2.72 27.87
N THR A 94 0.65 -3.81 28.66
CA THR A 94 1.00 -5.17 28.23
C THR A 94 0.08 -5.58 27.06
N GLU A 95 -1.24 -5.26 27.18
CA GLU A 95 -2.28 -5.52 26.19
C GLU A 95 -1.93 -4.91 24.84
N ILE A 96 -1.58 -3.60 24.80
CA ILE A 96 -1.21 -2.91 23.56
C ILE A 96 0.00 -3.57 22.89
N GLN A 97 1.04 -3.88 23.68
CA GLN A 97 2.26 -4.54 23.19
C GLN A 97 1.95 -5.91 22.59
N ILE A 98 1.13 -6.73 23.29
CA ILE A 98 0.74 -8.07 22.84
C ILE A 98 -0.09 -8.00 21.53
N ASN A 99 -1.01 -7.02 21.43
CA ASN A 99 -1.83 -6.82 20.24
C ASN A 99 -1.00 -6.40 19.03
N ILE A 100 0.06 -5.61 19.26
CA ILE A 100 0.98 -5.24 18.18
C ILE A 100 1.64 -6.55 17.68
N GLU A 101 2.05 -7.46 18.60
CA GLU A 101 2.66 -8.74 18.22
C GLU A 101 1.67 -9.65 17.48
N ILE A 102 0.43 -9.74 17.96
CA ILE A 102 -0.63 -10.55 17.34
C ILE A 102 -0.89 -10.11 15.89
N GLU A 103 -1.15 -8.81 15.68
CA GLU A 103 -1.42 -8.22 14.36
C GLU A 103 -0.23 -8.42 13.38
N SER A 104 1.02 -8.25 13.86
CA SER A 104 2.19 -8.45 13.02
C SER A 104 2.35 -9.91 12.60
N ARG A 105 2.02 -10.86 13.52
CA ARG A 105 2.08 -12.29 13.27
C ARG A 105 1.08 -12.71 12.18
N LYS A 106 -0.10 -12.04 12.12
CA LYS A 106 -1.14 -12.23 11.10
C LYS A 106 -0.59 -11.76 9.75
N SER A 107 0.06 -10.59 9.69
CA SER A 107 0.67 -10.05 8.48
C SER A 107 1.82 -10.95 7.97
N TYR A 108 2.63 -11.47 8.92
CA TYR A 108 3.76 -12.33 8.62
C TYR A 108 3.31 -13.63 7.96
N LYS A 109 2.22 -14.25 8.45
CA LYS A 109 1.68 -15.47 7.87
C LYS A 109 1.23 -15.24 6.44
N LYS A 110 0.61 -14.07 6.19
CA LYS A 110 0.14 -13.67 4.86
C LYS A 110 1.33 -13.55 3.89
N MET A 111 2.47 -13.01 4.37
CA MET A 111 3.74 -12.85 3.66
C MET A 111 4.30 -14.22 3.30
N LEU A 112 4.33 -15.19 4.27
CA LEU A 112 4.83 -16.54 4.01
C LEU A 112 4.01 -17.17 2.88
N LYS A 113 2.68 -17.03 2.95
CA LYS A 113 1.75 -17.54 1.94
C LYS A 113 2.01 -16.89 0.55
N GLU A 114 2.49 -15.65 0.54
CA GLU A 114 2.74 -14.91 -0.68
C GLU A 114 4.10 -15.15 -1.30
N MET A 115 5.20 -15.17 -0.52
CA MET A 115 6.54 -15.34 -1.08
C MET A 115 7.44 -16.46 -0.47
N GLY A 116 6.89 -17.28 0.41
CA GLY A 116 7.68 -18.28 1.12
C GLY A 116 8.41 -17.60 2.27
N GLU A 117 9.50 -18.20 2.77
CA GLU A 117 10.28 -17.57 3.85
C GLU A 117 10.76 -16.18 3.47
N VAL A 118 10.71 -15.28 4.42
CA VAL A 118 11.00 -13.87 4.27
C VAL A 118 12.51 -13.52 4.46
N ALA A 119 13.08 -12.72 3.55
CA ALA A 119 14.48 -12.26 3.56
C ALA A 119 14.74 -11.36 4.78
N PRO A 120 15.98 -11.32 5.32
CA PRO A 120 16.24 -10.51 6.53
C PRO A 120 15.73 -9.07 6.53
N GLU A 121 15.92 -8.37 5.41
CA GLU A 121 15.56 -6.95 5.25
C GLU A 121 14.05 -6.71 5.16
N TYR A 122 13.23 -7.78 5.09
CA TYR A 122 11.79 -7.66 5.02
C TYR A 122 11.10 -8.07 6.34
N ARG A 123 11.90 -8.52 7.31
CA ARG A 123 11.40 -8.99 8.60
C ARG A 123 11.28 -7.87 9.63
N HIS A 124 10.50 -8.15 10.70
CA HIS A 124 10.26 -7.30 11.88
C HIS A 124 11.53 -7.09 12.73
N ASP A 125 12.52 -7.98 12.62
CA ASP A 125 13.74 -7.92 13.40
C ASP A 125 14.97 -7.42 12.61
N SER A 126 14.74 -6.76 11.45
CA SER A 126 15.83 -6.12 10.72
C SER A 126 16.41 -5.01 11.63
N PRO A 127 17.75 -4.91 11.73
CA PRO A 127 18.35 -3.97 12.70
C PRO A 127 18.06 -2.50 12.52
N ASP A 128 17.57 -2.09 11.35
CA ASP A 128 17.29 -0.68 11.07
C ASP A 128 15.84 -0.20 11.28
N CYS A 129 14.92 -1.06 11.81
CA CYS A 129 13.49 -0.70 11.97
C CYS A 129 13.25 0.53 12.85
N GLY A 130 13.91 0.59 14.01
CA GLY A 130 13.84 1.77 14.87
C GLY A 130 14.27 3.03 14.15
N MET A 131 15.41 2.99 13.40
CA MET A 131 15.92 4.13 12.64
C MET A 131 15.02 4.57 11.51
N ILE A 132 14.30 3.63 10.90
CA ILE A 132 13.34 3.93 9.84
C ILE A 132 12.23 4.83 10.43
N ILE A 133 11.72 4.46 11.61
CA ILE A 133 10.71 5.21 12.33
C ILE A 133 11.28 6.61 12.68
N LEU A 134 12.52 6.67 13.18
CA LEU A 134 13.13 7.93 13.57
C LEU A 134 13.41 8.91 12.39
N CYS A 135 13.43 8.39 11.14
CA CYS A 135 13.57 9.20 9.93
C CYS A 135 12.31 10.05 9.75
N ILE A 136 11.12 9.51 10.06
CA ILE A 136 9.86 10.29 9.99
C ILE A 136 9.93 11.39 11.07
N ALA A 137 10.40 11.07 12.31
CA ALA A 137 10.56 12.04 13.42
C ALA A 137 11.47 13.21 12.99
N ALA A 138 12.55 12.93 12.21
CA ALA A 138 13.48 13.92 11.66
C ALA A 138 12.76 14.84 10.68
N LEU A 139 11.78 14.33 9.91
CA LEU A 139 11.02 15.15 8.96
C LEU A 139 10.04 16.06 9.71
N VAL A 140 9.41 15.54 10.79
CA VAL A 140 8.46 16.26 11.62
C VAL A 140 9.15 17.41 12.34
N ILE A 141 10.37 17.15 12.89
CA ILE A 141 11.19 18.13 13.62
C ILE A 141 11.51 19.36 12.74
N THR A 142 11.79 19.14 11.45
CA THR A 142 12.05 20.19 10.47
C THR A 142 10.83 21.10 10.35
N LYS A 143 9.63 20.53 10.18
CA LYS A 143 8.38 21.28 10.01
C LYS A 143 7.87 21.92 11.31
N LEU A 144 8.39 21.51 12.48
CA LEU A 144 8.03 22.14 13.74
C LEU A 144 8.98 23.31 14.01
N ALA A 145 10.21 23.22 13.44
CA ALA A 145 11.28 24.22 13.53
C ALA A 145 11.15 25.32 12.48
N ALA A 146 10.55 25.02 11.30
CA ALA A 146 10.37 25.95 10.18
C ALA A 146 9.05 26.77 10.27
N GLY A 147 8.22 26.51 11.29
CA GLY A 147 6.95 27.17 11.51
C GLY A 147 5.80 26.19 11.70
N ARG A 149 0.66 25.77 11.26
CA ARG A 149 1.42 24.95 12.21
C ARG A 149 1.44 23.47 11.82
N SER A 150 1.12 23.18 10.54
CA SER A 150 1.14 21.80 10.07
C SER A 150 1.59 21.65 8.59
N GLY A 151 2.85 21.25 8.47
CA GLY A 151 3.53 20.98 7.20
C GLY A 151 3.46 19.50 6.89
N LEU A 152 2.30 18.88 7.25
CA LEU A 152 2.01 17.45 7.10
C LEU A 152 2.07 16.99 5.65
N THR A 153 1.49 17.75 4.67
CA THR A 153 1.54 17.34 3.26
C THR A 153 2.96 17.27 2.74
N ALA A 154 3.81 18.21 3.15
CA ALA A 154 5.22 18.27 2.78
C ALA A 154 5.99 17.12 3.44
N VAL A 155 5.60 16.70 4.66
CA VAL A 155 6.25 15.58 5.34
C VAL A 155 6.04 14.28 4.54
N ILE A 156 4.76 13.95 4.19
CA ILE A 156 4.34 12.77 3.40
C ILE A 156 5.07 12.72 2.04
N ARG A 157 5.07 13.83 1.29
CA ARG A 157 5.71 13.91 -0.02
C ARG A 157 7.23 13.82 0.07
N ARG A 158 7.85 14.46 1.08
CA ARG A 158 9.30 14.33 1.23
C ARG A 158 9.64 12.89 1.61
N ALA A 159 8.78 12.23 2.45
CA ALA A 159 8.93 10.83 2.90
C ALA A 159 8.82 9.77 1.80
N ASN A 160 7.90 9.94 0.80
CA ASN A 160 7.73 8.96 -0.28
C ASN A 160 8.93 8.93 -1.21
N ASN A 161 9.70 10.05 -1.29
CA ASN A 161 10.91 10.16 -2.08
C ASN A 161 12.11 9.59 -1.32
N VAL A 162 12.44 10.21 -0.16
CA VAL A 162 13.58 9.83 0.70
C VAL A 162 13.47 8.38 1.24
N LEU A 163 12.25 7.90 1.57
CA LEU A 163 12.12 6.55 2.10
C LEU A 163 11.42 5.57 1.15
N LYS A 164 11.75 5.67 -0.15
CA LYS A 164 11.22 4.84 -1.22
C LYS A 164 11.63 3.39 -1.12
N ASN A 165 12.93 3.10 -0.79
CA ASN A 165 13.45 1.73 -0.62
C ASN A 165 12.82 1.06 0.59
N GLU A 166 12.68 1.81 1.67
CA GLU A 166 12.14 1.34 2.95
C GLU A 166 10.63 1.07 2.85
N MET A 167 9.90 1.91 2.10
CA MET A 167 8.45 1.74 1.87
C MET A 167 8.18 0.46 1.06
N LYS A 168 9.11 0.12 0.14
CA LYS A 168 9.08 -1.09 -0.70
C LYS A 168 9.31 -2.34 0.20
N ARG A 169 10.17 -2.19 1.23
CA ARG A 169 10.47 -3.26 2.18
C ARG A 169 9.35 -3.47 3.19
N TYR A 170 8.64 -2.38 3.63
CA TYR A 170 7.63 -2.45 4.71
C TYR A 170 6.23 -1.91 4.41
N LYS A 171 5.22 -2.79 4.43
CA LYS A 171 3.80 -2.44 4.22
C LYS A 171 3.21 -1.44 5.26
N GLY A 172 3.68 -1.50 6.49
CA GLY A 172 3.26 -0.64 7.59
C GLY A 172 3.97 0.69 7.64
N LEU A 173 4.90 0.96 6.68
CA LEU A 173 5.59 2.26 6.64
C LEU A 173 4.62 3.23 5.94
N LEU A 174 3.75 3.86 6.77
CA LEU A 174 2.68 4.78 6.33
C LEU A 174 3.05 6.19 6.82
N PRO A 175 3.72 7.01 5.97
CA PRO A 175 4.19 8.35 6.39
C PRO A 175 3.14 9.26 7.04
N LYS A 176 1.92 9.32 6.51
CA LYS A 176 0.84 10.15 7.07
C LYS A 176 0.55 9.81 8.55
N ASP A 177 0.30 8.51 8.85
CA ASP A 177 -0.01 8.00 10.19
C ASP A 177 1.15 8.17 11.14
N ILE A 178 2.38 7.81 10.69
CA ILE A 178 3.58 7.92 11.53
C ILE A 178 3.89 9.40 11.85
N ALA A 179 3.82 10.31 10.85
CA ALA A 179 4.06 11.75 11.05
C ALA A 179 3.04 12.33 12.00
N ASN A 180 1.75 11.95 11.88
CA ASN A 180 0.68 12.40 12.77
C ASN A 180 0.99 11.97 14.19
N SER A 181 1.46 10.71 14.39
CA SER A 181 1.82 10.17 15.70
C SER A 181 2.97 10.97 16.32
N PHE A 182 4.00 11.36 15.52
CA PHE A 182 5.10 12.17 16.07
C PHE A 182 4.69 13.60 16.40
N TYR A 183 3.86 14.23 15.53
CA TYR A 183 3.31 15.58 15.74
C TYR A 183 2.59 15.58 17.09
N GLU A 184 1.71 14.58 17.29
CA GLU A 184 0.95 14.37 18.50
C GLU A 184 1.88 14.23 19.75
N VAL A 185 2.90 13.33 19.73
CA VAL A 185 3.78 13.16 20.89
C VAL A 185 4.63 14.42 21.18
N PHE A 186 5.10 15.16 20.17
CA PHE A 186 5.90 16.36 20.44
C PHE A 186 5.05 17.50 21.01
N GLU A 187 3.76 17.56 20.62
CA GLU A 187 2.81 18.54 21.11
C GLU A 187 2.44 18.19 22.55
N LYS A 188 2.06 16.90 22.80
CA LYS A 188 1.63 16.39 24.10
C LYS A 188 2.78 16.29 25.11
N HIS A 189 3.97 15.86 24.68
CA HIS A 189 5.15 15.71 25.53
C HIS A 189 6.35 16.49 24.96
N PRO A 190 6.37 17.84 25.08
CA PRO A 190 7.49 18.63 24.53
C PRO A 190 8.90 18.25 25.02
N HIS A 191 9.02 17.52 26.15
CA HIS A 191 10.32 17.05 26.62
C HIS A 191 10.95 16.07 25.65
N PHE A 192 10.13 15.42 24.80
CA PHE A 192 10.61 14.50 23.77
C PHE A 192 11.37 15.22 22.65
N ILE A 193 11.08 16.51 22.43
CA ILE A 193 11.80 17.31 21.43
C ILE A 193 13.27 17.42 21.88
N ASP A 194 13.53 17.75 23.16
CA ASP A 194 14.89 17.84 23.72
C ASP A 194 15.60 16.49 23.63
N VAL A 195 14.90 15.38 23.93
CA VAL A 195 15.46 14.03 23.85
C VAL A 195 15.84 13.69 22.40
N PHE A 196 14.93 13.94 21.47
CA PHE A 196 15.19 13.69 20.05
C PHE A 196 16.38 14.51 19.51
N VAL A 197 16.46 15.78 19.87
CA VAL A 197 17.54 16.66 19.40
C VAL A 197 18.91 16.18 19.90
N HIS A 198 19.02 15.78 21.20
CA HIS A 198 20.25 15.21 21.76
C HIS A 198 20.59 13.90 21.08
N PHE A 199 19.57 13.05 20.82
CA PHE A 199 19.77 11.79 20.11
C PHE A 199 20.35 12.07 18.69
N GLY A 200 19.72 13.00 17.97
CA GLY A 200 20.11 13.33 16.60
C GLY A 200 21.51 13.90 16.50
N ILE A 201 21.93 14.74 17.46
CA ILE A 201 23.27 15.32 17.51
C ILE A 201 24.29 14.21 17.75
N ALA A 202 24.01 13.30 18.70
CA ALA A 202 24.89 12.18 19.01
C ALA A 202 24.97 11.16 17.84
N GLN A 203 23.83 10.86 17.20
CA GLN A 203 23.78 9.92 16.08
C GLN A 203 24.52 10.45 14.84
N SER A 204 24.28 11.72 14.47
CA SER A 204 24.89 12.32 13.26
C SER A 204 26.41 12.51 13.35
N SER A 205 27.02 12.04 14.46
CA SER A 205 28.46 12.02 14.70
C SER A 205 29.02 10.69 14.15
N THR A 206 28.26 9.57 14.29
CA THR A 206 28.51 8.19 13.82
C THR A 206 27.64 7.24 14.65
N GLY A 208 26.71 6.62 11.40
CA GLY A 208 27.25 5.27 11.28
C GLY A 208 28.26 5.03 10.17
N GLY A 209 28.11 3.91 9.43
CA GLY A 209 27.05 2.92 9.62
C GLY A 209 26.34 2.43 8.35
N SER A 210 25.03 2.06 8.51
CA SER A 210 24.06 1.52 7.54
C SER A 210 23.44 2.62 6.62
N ARG A 211 22.74 2.24 5.53
CA ARG A 211 22.04 3.18 4.62
C ARG A 211 21.02 4.06 5.38
N VAL A 212 20.19 3.45 6.26
CA VAL A 212 19.17 4.16 7.05
C VAL A 212 19.83 5.14 8.06
N GLU A 213 20.96 4.75 8.69
CA GLU A 213 21.67 5.65 9.63
C GLU A 213 22.16 6.89 8.87
N GLY A 214 22.60 6.67 7.62
CA GLY A 214 23.04 7.72 6.70
C GLY A 214 21.91 8.63 6.26
N ILE A 215 20.73 8.04 5.96
CA ILE A 215 19.53 8.81 5.56
C ILE A 215 19.13 9.72 6.75
N PHE A 216 19.06 9.14 7.96
CA PHE A 216 18.71 9.88 9.16
C PHE A 216 19.63 11.08 9.37
N ALA A 217 20.97 10.87 9.32
CA ALA A 217 21.95 11.95 9.55
C ALA A 217 21.79 13.12 8.57
N GLY A 218 21.49 12.83 7.31
CA GLY A 218 21.24 13.85 6.29
C GLY A 218 19.96 14.59 6.58
N LEU A 219 18.88 13.85 6.94
CA LEU A 219 17.58 14.43 7.31
C LEU A 219 17.71 15.35 8.52
N PHE A 220 18.42 14.88 9.57
CA PHE A 220 18.62 15.62 10.82
C PHE A 220 19.45 16.89 10.59
N MET A 221 20.58 16.77 9.86
CA MET A 221 21.46 17.90 9.52
C MET A 221 20.74 19.03 8.79
N ASN A 222 19.73 18.68 7.98
CA ASN A 222 18.87 19.60 7.22
C ASN A 222 18.09 20.58 8.09
N ALA A 223 17.79 20.21 9.36
CA ALA A 223 17.08 21.06 10.32
C ALA A 223 17.85 22.33 10.74
N TYR A 224 19.00 22.60 10.07
CA TYR A 224 19.87 23.74 10.32
C TYR A 224 20.37 24.34 9.00
N GLY A 225 20.85 23.49 8.07
CA GLY A 225 21.45 23.99 6.85
C GLY A 225 21.27 23.29 5.53
N LEU A 226 21.01 24.14 4.50
CA LEU A 226 20.80 23.94 3.06
C LEU A 226 20.69 22.46 2.63
N SER B 5 -9.55 -9.50 -36.47
CA SER B 5 -10.84 -9.14 -35.90
C SER B 5 -10.67 -8.65 -34.45
N ILE B 6 -10.70 -7.32 -34.25
CA ILE B 6 -10.55 -6.66 -32.94
C ILE B 6 -11.83 -5.94 -32.55
N ASP B 7 -12.29 -6.18 -31.31
CA ASP B 7 -13.48 -5.55 -30.75
C ASP B 7 -13.17 -4.09 -30.46
N THR B 8 -14.05 -3.17 -30.90
CA THR B 8 -13.85 -1.73 -30.69
C THR B 8 -15.07 -1.17 -29.96
N PRO B 9 -15.11 -1.32 -28.60
CA PRO B 9 -16.26 -0.80 -27.84
C PRO B 9 -16.36 0.73 -27.90
N ASN B 10 -17.59 1.24 -28.00
CA ASN B 10 -17.82 2.67 -28.02
C ASN B 10 -18.19 3.19 -26.61
N TYR B 11 -18.41 4.51 -26.47
CA TYR B 11 -18.76 5.16 -25.18
C TYR B 11 -19.98 4.55 -24.49
N ASP B 12 -20.94 4.08 -25.29
CA ASP B 12 -22.20 3.48 -24.82
C ASP B 12 -22.05 2.20 -23.95
N VAL B 13 -20.91 1.45 -24.04
CA VAL B 13 -20.75 0.22 -23.23
C VAL B 13 -19.72 0.38 -22.09
N GLN B 14 -19.26 1.61 -21.87
CA GLN B 14 -18.29 1.96 -20.82
C GLN B 14 -18.76 1.53 -19.42
N LYS B 15 -20.05 1.81 -19.11
CA LYS B 15 -20.64 1.49 -17.81
C LYS B 15 -20.68 -0.02 -17.57
N HIS B 16 -21.00 -0.79 -18.62
CA HIS B 16 -21.04 -2.24 -18.58
C HIS B 16 -19.67 -2.83 -18.35
N ILE B 17 -18.65 -2.36 -19.10
CA ILE B 17 -17.27 -2.83 -18.93
C ILE B 17 -16.77 -2.48 -17.53
N ASN B 18 -17.13 -1.28 -17.03
CA ASN B 18 -16.70 -0.89 -15.69
C ASN B 18 -17.20 -1.90 -14.63
N LYS B 19 -18.47 -2.31 -14.74
CA LYS B 19 -19.17 -3.29 -13.88
C LYS B 19 -18.51 -4.69 -13.94
N LEU B 20 -18.07 -5.11 -15.16
CA LEU B 20 -17.36 -6.36 -15.40
C LEU B 20 -16.02 -6.37 -14.66
N CYS B 21 -15.30 -5.24 -14.68
CA CYS B 21 -14.04 -5.08 -13.94
C CYS B 21 -14.33 -5.24 -12.42
N GLY B 22 -15.38 -4.57 -11.94
CA GLY B 22 -15.81 -4.59 -10.54
C GLY B 22 -16.25 -5.96 -10.04
N MET B 23 -16.86 -6.73 -10.91
CA MET B 23 -17.26 -8.09 -10.58
C MET B 23 -16.04 -8.97 -10.30
N LEU B 24 -14.94 -8.81 -11.08
CA LEU B 24 -13.71 -9.55 -10.83
C LEU B 24 -13.04 -9.09 -9.53
N LEU B 25 -13.02 -7.76 -9.27
CA LEU B 25 -12.41 -7.18 -8.08
C LEU B 25 -13.08 -7.62 -6.78
N ILE B 26 -14.40 -7.91 -6.83
CA ILE B 26 -15.09 -8.36 -5.60
C ILE B 26 -15.00 -9.88 -5.44
N THR B 27 -14.51 -10.63 -6.45
CA THR B 27 -14.44 -12.10 -6.36
C THR B 27 -13.22 -12.60 -5.57
N GLU B 28 -13.50 -13.35 -4.50
CA GLU B 28 -12.48 -14.00 -3.67
C GLU B 28 -11.78 -15.03 -4.55
N ASP B 29 -10.42 -14.97 -4.63
CA ASP B 29 -9.61 -15.88 -5.43
C ASP B 29 -10.11 -15.95 -6.90
N ALA B 30 -10.38 -14.76 -7.48
CA ALA B 30 -10.87 -14.59 -8.85
C ALA B 30 -9.91 -15.19 -9.89
N ASN B 31 -10.47 -15.71 -10.99
CA ASN B 31 -9.68 -16.21 -12.13
C ASN B 31 -9.43 -14.99 -13.03
N HIS B 32 -8.17 -14.52 -13.05
CA HIS B 32 -7.76 -13.33 -13.77
C HIS B 32 -7.24 -13.58 -15.17
N LYS B 33 -7.54 -14.75 -15.76
CA LYS B 33 -7.12 -15.12 -17.11
C LYS B 33 -7.56 -14.10 -18.19
N PHE B 34 -8.73 -13.45 -18.00
CA PHE B 34 -9.28 -12.51 -18.99
C PHE B 34 -9.24 -11.02 -18.56
N THR B 35 -8.61 -10.73 -17.42
CA THR B 35 -8.55 -9.38 -16.87
C THR B 35 -7.76 -8.40 -17.78
N GLY B 36 -6.65 -8.87 -18.37
CA GLY B 36 -5.84 -8.08 -19.28
C GLY B 36 -6.68 -7.57 -20.43
N LEU B 37 -7.49 -8.46 -21.01
CA LEU B 37 -8.37 -8.18 -22.14
C LEU B 37 -9.47 -7.22 -21.78
N ILE B 38 -10.18 -7.52 -20.68
CA ILE B 38 -11.28 -6.70 -20.14
C ILE B 38 -10.80 -5.29 -19.84
N GLY B 39 -9.60 -5.16 -19.22
CA GLY B 39 -9.00 -3.87 -18.91
C GLY B 39 -8.77 -3.06 -20.17
N MET B 40 -8.25 -3.72 -21.21
CA MET B 40 -8.00 -3.11 -22.53
C MET B 40 -9.28 -2.69 -23.22
N LEU B 41 -10.36 -3.48 -23.08
CA LEU B 41 -11.69 -3.14 -23.60
C LEU B 41 -12.19 -1.88 -22.88
N TYR B 42 -11.96 -1.74 -21.57
CA TYR B 42 -12.37 -0.56 -20.82
C TYR B 42 -11.67 0.69 -21.36
N ALA B 43 -10.34 0.59 -21.57
CA ALA B 43 -9.51 1.68 -22.13
C ALA B 43 -10.09 2.15 -23.49
N MET B 44 -10.46 1.20 -24.37
CA MET B 44 -11.03 1.44 -25.69
C MET B 44 -12.40 2.12 -25.61
N SER B 45 -13.25 1.70 -24.64
CA SER B 45 -14.58 2.33 -24.45
C SER B 45 -14.44 3.80 -23.91
N ARG B 46 -13.31 4.11 -23.22
CA ARG B 46 -12.97 5.44 -22.75
C ARG B 46 -12.45 6.33 -23.91
N LEU B 47 -11.74 5.72 -24.87
CA LEU B 47 -11.24 6.42 -26.05
C LEU B 47 -12.38 6.61 -27.05
N GLY B 48 -13.31 5.64 -27.07
CA GLY B 48 -14.41 5.58 -28.01
C GLY B 48 -13.96 4.86 -29.28
N ARG B 49 -14.90 4.28 -30.05
CA ARG B 49 -14.67 3.54 -31.29
C ARG B 49 -13.86 4.32 -32.35
N GLU B 50 -14.26 5.57 -32.68
CA GLU B 50 -13.56 6.37 -33.69
C GLU B 50 -12.08 6.57 -33.42
N ASP B 51 -11.72 7.05 -32.21
CA ASP B 51 -10.34 7.28 -31.81
C ASP B 51 -9.54 5.98 -31.79
N THR B 52 -10.14 4.87 -31.28
CA THR B 52 -9.51 3.54 -31.24
C THR B 52 -9.06 3.11 -32.67
N ILE B 53 -10.02 3.08 -33.62
CA ILE B 53 -9.77 2.68 -35.02
C ILE B 53 -8.68 3.58 -35.65
N LYS B 54 -8.71 4.89 -35.34
CA LYS B 54 -7.74 5.89 -35.82
C LYS B 54 -6.33 5.55 -35.28
N ILE B 55 -6.18 5.29 -33.97
CA ILE B 55 -4.90 4.92 -33.31
C ILE B 55 -4.34 3.65 -33.98
N LEU B 56 -5.17 2.60 -34.10
CA LEU B 56 -4.79 1.33 -34.68
C LEU B 56 -4.32 1.45 -36.12
N ARG B 57 -5.09 2.17 -36.98
CA ARG B 57 -4.76 2.41 -38.39
C ARG B 57 -3.49 3.26 -38.54
N ASP B 58 -3.33 4.31 -37.71
CA ASP B 58 -2.15 5.19 -37.71
C ASP B 58 -0.91 4.45 -37.24
N ALA B 59 -1.06 3.44 -36.33
CA ALA B 59 0.04 2.61 -35.84
C ALA B 59 0.45 1.55 -36.87
N GLY B 60 -0.32 1.43 -37.94
CA GLY B 60 -0.02 0.52 -39.02
C GLY B 60 -0.76 -0.79 -39.00
N TYR B 61 -1.57 -1.02 -37.97
CA TYR B 61 -2.35 -2.25 -37.87
C TYR B 61 -3.56 -2.21 -38.81
N HIS B 62 -3.90 -3.33 -39.44
CA HIS B 62 -5.09 -3.41 -40.28
C HIS B 62 -6.19 -3.95 -39.39
N VAL B 63 -7.29 -3.20 -39.27
CA VAL B 63 -8.32 -3.57 -38.31
C VAL B 63 -9.70 -3.83 -38.92
N LYS B 64 -10.24 -5.03 -38.56
CA LYS B 64 -11.58 -5.49 -38.88
C LYS B 64 -12.35 -5.21 -37.58
N ALA B 65 -12.99 -4.03 -37.52
CA ALA B 65 -13.73 -3.57 -36.36
C ALA B 65 -15.04 -4.31 -36.08
N ASN B 66 -15.16 -4.88 -34.88
CA ASN B 66 -16.35 -5.58 -34.42
C ASN B 66 -17.12 -4.65 -33.47
N GLY B 67 -18.39 -4.39 -33.81
CA GLY B 67 -19.30 -3.57 -33.01
C GLY B 67 -19.63 -4.25 -31.70
N VAL B 68 -19.61 -3.49 -30.60
CA VAL B 68 -19.89 -4.06 -29.28
C VAL B 68 -21.21 -3.55 -28.72
N ASP B 69 -22.19 -4.47 -28.58
CA ASP B 69 -23.51 -4.16 -28.05
C ASP B 69 -23.86 -5.02 -26.85
N VAL B 70 -24.82 -4.55 -26.03
CA VAL B 70 -25.31 -5.26 -24.84
C VAL B 70 -26.49 -6.11 -25.26
N THR B 71 -26.45 -7.41 -24.94
CA THR B 71 -27.54 -8.36 -25.22
C THR B 71 -27.94 -9.11 -23.96
N THR B 72 -29.22 -9.52 -23.89
CA THR B 72 -29.76 -10.31 -22.78
C THR B 72 -29.68 -11.79 -23.14
N HIS B 73 -28.94 -12.55 -22.33
CA HIS B 73 -28.76 -13.98 -22.54
C HIS B 73 -29.47 -14.78 -21.47
N ARG B 74 -30.28 -15.76 -21.91
CA ARG B 74 -31.03 -16.66 -21.04
C ARG B 74 -30.22 -17.95 -20.88
N GLN B 75 -29.92 -18.33 -19.61
CA GLN B 75 -29.11 -19.53 -19.31
C GLN B 75 -29.57 -20.26 -18.05
N ASP B 76 -29.60 -21.61 -18.11
CA ASP B 76 -29.99 -22.51 -17.02
C ASP B 76 -28.85 -22.77 -16.03
N ILE B 77 -29.00 -22.28 -14.78
CA ILE B 77 -28.04 -22.46 -13.69
C ILE B 77 -28.80 -22.98 -12.47
N ASN B 78 -28.49 -24.23 -12.05
CA ASN B 78 -29.09 -24.99 -10.94
C ASN B 78 -30.59 -25.30 -11.18
N GLY B 79 -30.93 -25.63 -12.43
CA GLY B 79 -32.30 -25.97 -12.83
C GLY B 79 -33.18 -24.78 -13.20
N LYS B 80 -32.89 -23.59 -12.61
CA LYS B 80 -33.62 -22.34 -12.81
C LYS B 80 -33.00 -21.53 -13.96
N GLU B 81 -33.87 -20.98 -14.84
CA GLU B 81 -33.43 -20.12 -15.95
C GLU B 81 -33.05 -18.76 -15.39
N MET B 82 -31.94 -18.20 -15.86
CA MET B 82 -31.43 -16.90 -15.43
C MET B 82 -31.18 -15.98 -16.61
N LYS B 83 -31.44 -14.67 -16.43
CA LYS B 83 -31.24 -13.62 -17.43
C LYS B 83 -29.97 -12.82 -17.13
N PHE B 84 -29.04 -12.79 -18.09
CA PHE B 84 -27.77 -12.09 -17.94
C PHE B 84 -27.57 -11.05 -19.00
N GLU B 85 -27.01 -9.90 -18.62
CA GLU B 85 -26.66 -8.82 -19.53
C GLU B 85 -25.20 -9.06 -19.94
N VAL B 86 -24.95 -9.30 -21.23
CA VAL B 86 -23.60 -9.59 -21.74
C VAL B 86 -23.22 -8.68 -22.92
N LEU B 87 -21.92 -8.61 -23.25
CA LEU B 87 -21.46 -7.84 -24.40
C LEU B 87 -21.14 -8.76 -25.58
N THR B 88 -21.43 -8.30 -26.81
CA THR B 88 -21.12 -9.07 -28.02
C THR B 88 -19.63 -8.86 -28.35
N LEU B 89 -18.77 -9.78 -27.87
CA LEU B 89 -17.32 -9.71 -28.02
C LEU B 89 -16.76 -10.95 -28.68
N ALA B 90 -16.04 -10.76 -29.81
CA ALA B 90 -15.37 -11.87 -30.52
C ALA B 90 -14.23 -12.45 -29.66
N SER B 91 -13.65 -11.61 -28.80
CA SER B 91 -12.55 -11.96 -27.91
C SER B 91 -12.96 -12.58 -26.56
N LEU B 92 -14.24 -12.45 -26.15
CA LEU B 92 -14.74 -12.93 -24.86
C LEU B 92 -16.14 -13.55 -24.95
N THR B 93 -16.22 -14.88 -24.79
CA THR B 93 -17.48 -15.65 -24.89
C THR B 93 -18.55 -15.28 -23.86
N THR B 94 -19.82 -15.53 -24.20
CA THR B 94 -20.97 -15.30 -23.33
C THR B 94 -20.82 -16.13 -22.05
N GLU B 95 -20.34 -17.38 -22.18
CA GLU B 95 -20.08 -18.33 -21.10
C GLU B 95 -19.13 -17.75 -20.05
N ILE B 96 -17.97 -17.22 -20.48
CA ILE B 96 -16.95 -16.62 -19.63
C ILE B 96 -17.53 -15.44 -18.86
N GLN B 97 -18.23 -14.53 -19.56
CA GLN B 97 -18.88 -13.36 -18.98
C GLN B 97 -19.89 -13.73 -17.90
N ILE B 98 -20.76 -14.72 -18.18
CA ILE B 98 -21.78 -15.20 -17.24
C ILE B 98 -21.15 -15.80 -15.97
N ASN B 99 -20.09 -16.61 -16.15
CA ASN B 99 -19.37 -17.22 -15.03
C ASN B 99 -18.70 -16.20 -14.13
N ILE B 100 -18.22 -15.08 -14.73
CA ILE B 100 -17.67 -13.97 -13.97
C ILE B 100 -18.78 -13.41 -13.06
N GLU B 101 -20.00 -13.17 -13.63
CA GLU B 101 -21.15 -12.68 -12.88
C GLU B 101 -21.60 -13.64 -11.75
N ILE B 102 -21.67 -14.96 -12.05
CA ILE B 102 -22.05 -15.99 -11.07
C ILE B 102 -21.14 -15.97 -9.83
N GLU B 103 -19.82 -16.08 -10.07
CA GLU B 103 -18.78 -16.11 -9.03
C GLU B 103 -18.77 -14.84 -8.18
N SER B 104 -18.96 -13.65 -8.82
CA SER B 104 -19.00 -12.38 -8.09
C SER B 104 -20.26 -12.29 -7.20
N ARG B 105 -21.39 -12.82 -7.68
CA ARG B 105 -22.63 -12.83 -6.92
C ARG B 105 -22.49 -13.64 -5.63
N LYS B 106 -21.67 -14.73 -5.68
CA LYS B 106 -21.38 -15.58 -4.51
C LYS B 106 -20.54 -14.76 -3.49
N SER B 107 -19.51 -14.01 -3.96
CA SER B 107 -18.64 -13.16 -3.13
C SER B 107 -19.39 -11.94 -2.52
N TYR B 108 -20.33 -11.36 -3.30
CA TYR B 108 -21.22 -10.28 -2.89
C TYR B 108 -22.10 -10.72 -1.71
N LYS B 109 -22.76 -11.89 -1.82
CA LYS B 109 -23.66 -12.42 -0.79
C LYS B 109 -22.96 -12.68 0.53
N LYS B 110 -21.71 -13.20 0.46
CA LYS B 110 -20.85 -13.47 1.62
C LYS B 110 -20.53 -12.14 2.35
N MET B 111 -20.30 -11.05 1.56
CA MET B 111 -20.00 -9.70 2.02
C MET B 111 -21.22 -9.06 2.67
N LEU B 112 -22.40 -9.14 2.03
CA LEU B 112 -23.66 -8.60 2.55
C LEU B 112 -24.05 -9.23 3.91
N LYS B 113 -23.88 -10.56 4.05
CA LYS B 113 -24.18 -11.28 5.30
C LYS B 113 -23.27 -10.81 6.44
N GLU B 114 -21.94 -10.80 6.21
CA GLU B 114 -20.89 -10.44 7.16
C GLU B 114 -21.02 -9.05 7.77
N MET B 115 -21.19 -8.02 6.93
CA MET B 115 -21.26 -6.64 7.40
C MET B 115 -22.61 -5.92 7.19
N GLY B 116 -23.63 -6.65 6.75
CA GLY B 116 -24.93 -6.04 6.43
C GLY B 116 -24.77 -5.32 5.11
N GLU B 117 -25.51 -4.19 4.92
CA GLU B 117 -25.43 -3.33 3.72
C GLU B 117 -24.00 -3.09 3.24
N VAL B 118 -23.71 -3.35 1.94
CA VAL B 118 -22.37 -3.15 1.36
C VAL B 118 -22.18 -1.69 0.95
N ALA B 119 -21.14 -1.04 1.53
CA ALA B 119 -20.77 0.35 1.30
C ALA B 119 -20.45 0.60 -0.18
N PRO B 120 -20.73 1.81 -0.72
CA PRO B 120 -20.50 2.05 -2.17
C PRO B 120 -19.13 1.65 -2.71
N GLU B 121 -18.05 1.93 -1.95
CA GLU B 121 -16.68 1.67 -2.37
C GLU B 121 -16.28 0.18 -2.36
N TYR B 122 -17.13 -0.70 -1.80
CA TYR B 122 -16.90 -2.14 -1.76
C TYR B 122 -17.70 -2.92 -2.83
N ARG B 123 -18.53 -2.19 -3.59
CA ARG B 123 -19.40 -2.75 -4.62
C ARG B 123 -18.68 -2.97 -5.96
N HIS B 124 -19.26 -3.86 -6.79
CA HIS B 124 -18.81 -4.21 -8.14
C HIS B 124 -19.11 -3.07 -9.13
N ASP B 125 -20.01 -2.15 -8.78
CA ASP B 125 -20.38 -1.06 -9.69
C ASP B 125 -19.79 0.32 -9.32
N SER B 126 -18.78 0.35 -8.40
CA SER B 126 -18.10 1.58 -8.05
C SER B 126 -17.54 2.20 -9.33
N PRO B 127 -17.77 3.53 -9.56
CA PRO B 127 -17.30 4.15 -10.81
C PRO B 127 -15.82 3.99 -11.13
N ASP B 128 -14.97 3.71 -10.13
CA ASP B 128 -13.52 3.64 -10.31
C ASP B 128 -12.96 2.24 -10.54
N CYS B 129 -13.80 1.19 -10.73
CA CYS B 129 -13.36 -0.23 -10.89
C CYS B 129 -12.47 -0.50 -12.13
N GLY B 130 -12.88 0.00 -13.29
CA GLY B 130 -12.08 -0.13 -14.51
C GLY B 130 -10.67 0.48 -14.36
N MET B 131 -10.59 1.67 -13.75
CA MET B 131 -9.33 2.36 -13.50
C MET B 131 -8.41 1.63 -12.54
N ILE B 132 -8.98 0.91 -11.58
CA ILE B 132 -8.20 0.13 -10.62
C ILE B 132 -7.44 -0.95 -11.41
N ILE B 133 -8.14 -1.64 -12.33
CA ILE B 133 -7.52 -2.64 -13.22
C ILE B 133 -6.41 -2.00 -14.09
N LEU B 134 -6.69 -0.84 -14.69
CA LEU B 134 -5.76 -0.13 -15.56
C LEU B 134 -4.50 0.37 -14.82
N CYS B 135 -4.55 0.51 -13.47
CA CYS B 135 -3.39 0.87 -12.64
C CYS B 135 -2.34 -0.26 -12.69
N ILE B 136 -2.79 -1.53 -12.70
CA ILE B 136 -1.85 -2.66 -12.82
C ILE B 136 -1.20 -2.61 -14.22
N ALA B 137 -2.02 -2.34 -15.28
CA ALA B 137 -1.55 -2.19 -16.67
C ALA B 137 -0.46 -1.12 -16.75
N ALA B 138 -0.65 0.01 -16.04
CA ALA B 138 0.34 1.08 -15.98
C ALA B 138 1.69 0.59 -15.40
N LEU B 139 1.67 -0.31 -14.42
CA LEU B 139 2.89 -0.83 -13.80
C LEU B 139 3.61 -1.80 -14.75
N VAL B 140 2.87 -2.71 -15.44
CA VAL B 140 3.39 -3.71 -16.38
C VAL B 140 4.06 -3.01 -17.57
N ILE B 141 3.39 -1.96 -18.12
CA ILE B 141 3.84 -1.19 -19.27
C ILE B 141 5.23 -0.63 -19.03
N THR B 142 5.49 -0.15 -17.79
CA THR B 142 6.80 0.38 -17.41
C THR B 142 7.88 -0.70 -17.51
N LYS B 143 7.58 -1.90 -17.02
CA LYS B 143 8.53 -3.02 -17.01
C LYS B 143 8.67 -3.74 -18.34
N LEU B 144 7.77 -3.48 -19.30
CA LEU B 144 7.73 -4.13 -20.61
C LEU B 144 8.94 -3.86 -21.52
N ALA B 145 9.72 -2.80 -21.21
CA ALA B 145 10.93 -2.42 -21.96
C ALA B 145 11.96 -3.56 -21.96
N ALA B 146 12.04 -4.29 -20.83
CA ALA B 146 12.94 -5.42 -20.57
C ALA B 146 12.88 -6.54 -21.64
N GLY B 147 11.70 -6.78 -22.20
CA GLY B 147 11.48 -7.81 -23.23
C GLY B 147 11.06 -9.16 -22.69
N ASP B 148 11.09 -9.33 -21.34
CA ASP B 148 10.69 -10.55 -20.63
C ASP B 148 9.71 -10.22 -19.49
N ARG B 149 9.37 -11.24 -18.66
CA ARG B 149 8.45 -11.09 -17.51
C ARG B 149 9.24 -10.99 -16.21
N SER B 150 10.53 -10.59 -16.31
CA SER B 150 11.51 -10.40 -15.22
C SER B 150 11.06 -9.36 -14.17
N GLY B 151 10.41 -8.28 -14.64
CA GLY B 151 9.95 -7.17 -13.83
C GLY B 151 8.68 -7.41 -13.04
N LEU B 152 8.12 -8.65 -13.07
CA LEU B 152 6.88 -9.03 -12.37
C LEU B 152 6.94 -8.83 -10.84
N THR B 153 8.04 -9.25 -10.19
CA THR B 153 8.21 -9.09 -8.74
C THR B 153 8.20 -7.62 -8.31
N ALA B 154 8.83 -6.74 -9.11
CA ALA B 154 8.84 -5.29 -8.89
C ALA B 154 7.45 -4.71 -9.08
N VAL B 155 6.66 -5.28 -10.02
CA VAL B 155 5.29 -4.84 -10.28
C VAL B 155 4.47 -5.07 -9.00
N ILE B 156 4.57 -6.30 -8.41
CA ILE B 156 3.88 -6.69 -7.17
C ILE B 156 4.28 -5.78 -5.99
N ARG B 157 5.61 -5.55 -5.78
CA ARG B 157 6.20 -4.67 -4.75
C ARG B 157 5.61 -3.25 -4.86
N ARG B 158 5.58 -2.69 -6.09
CA ARG B 158 5.07 -1.36 -6.35
C ARG B 158 3.54 -1.27 -6.24
N ALA B 159 2.80 -2.31 -6.67
CA ALA B 159 1.32 -2.35 -6.58
C ALA B 159 0.88 -2.40 -5.11
N ASN B 160 1.48 -3.32 -4.33
CA ASN B 160 1.20 -3.54 -2.90
C ASN B 160 1.34 -2.26 -2.09
N ASN B 161 2.09 -1.27 -2.63
CA ASN B 161 2.34 0.03 -2.01
C ASN B 161 1.37 1.08 -2.47
N VAL B 162 1.27 1.29 -3.79
CA VAL B 162 0.44 2.33 -4.38
C VAL B 162 -1.05 2.02 -4.31
N LEU B 163 -1.45 0.73 -4.36
CA LEU B 163 -2.86 0.33 -4.35
C LEU B 163 -3.33 -0.30 -3.04
N LYS B 164 -2.74 0.14 -1.90
CA LYS B 164 -3.02 -0.32 -0.54
C LYS B 164 -4.49 -0.12 -0.15
N ASN B 165 -5.09 1.06 -0.43
CA ASN B 165 -6.49 1.32 -0.11
C ASN B 165 -7.41 0.47 -0.96
N GLU B 166 -7.06 0.31 -2.22
CA GLU B 166 -7.85 -0.44 -3.21
C GLU B 166 -7.84 -1.94 -2.90
N MET B 167 -6.69 -2.47 -2.44
CA MET B 167 -6.55 -3.89 -2.05
C MET B 167 -7.38 -4.18 -0.81
N LYS B 168 -7.52 -3.19 0.09
CA LYS B 168 -8.33 -3.29 1.33
C LYS B 168 -9.84 -3.31 0.96
N ARG B 169 -10.23 -2.60 -0.12
CA ARG B 169 -11.60 -2.55 -0.63
C ARG B 169 -11.99 -3.79 -1.44
N TYR B 170 -11.01 -4.40 -2.17
CA TYR B 170 -11.30 -5.50 -3.08
C TYR B 170 -10.45 -6.76 -2.89
N LYS B 171 -11.12 -7.88 -2.50
CA LYS B 171 -10.50 -9.20 -2.30
C LYS B 171 -9.89 -9.80 -3.57
N GLY B 172 -10.47 -9.47 -4.72
CA GLY B 172 -10.03 -9.94 -6.03
C GLY B 172 -8.91 -9.12 -6.65
N LEU B 173 -8.45 -8.08 -5.95
CA LEU B 173 -7.33 -7.28 -6.45
C LEU B 173 -6.06 -8.06 -6.06
N LEU B 174 -5.65 -8.99 -6.97
CA LEU B 174 -4.51 -9.90 -6.81
C LEU B 174 -3.46 -9.47 -7.83
N PRO B 175 -2.52 -8.58 -7.39
CA PRO B 175 -1.55 -7.99 -8.35
C PRO B 175 -0.77 -8.99 -9.22
N LYS B 176 -0.29 -10.12 -8.66
CA LYS B 176 0.46 -11.16 -9.38
C LYS B 176 -0.33 -11.73 -10.59
N ASP B 177 -1.59 -12.14 -10.35
CA ASP B 177 -2.49 -12.68 -11.38
C ASP B 177 -2.85 -11.63 -12.44
N ILE B 178 -3.20 -10.39 -11.99
CA ILE B 178 -3.59 -9.33 -12.89
C ILE B 178 -2.38 -8.91 -13.76
N ALA B 179 -1.17 -8.76 -13.17
CA ALA B 179 0.05 -8.39 -13.91
C ALA B 179 0.40 -9.45 -14.95
N ASN B 180 0.24 -10.75 -14.60
CA ASN B 180 0.49 -11.86 -15.51
C ASN B 180 -0.48 -11.79 -16.70
N SER B 181 -1.77 -11.48 -16.41
CA SER B 181 -2.81 -11.30 -17.43
C SER B 181 -2.48 -10.14 -18.40
N PHE B 182 -1.96 -9.00 -17.88
CA PHE B 182 -1.55 -7.89 -18.76
C PHE B 182 -0.29 -8.23 -19.59
N TYR B 183 0.70 -8.91 -18.97
CA TYR B 183 1.93 -9.34 -19.64
C TYR B 183 1.53 -10.22 -20.83
N GLU B 184 0.61 -11.17 -20.56
CA GLU B 184 0.08 -12.06 -21.57
C GLU B 184 -0.60 -11.29 -22.73
N VAL B 185 -1.54 -10.34 -22.41
CA VAL B 185 -2.29 -9.59 -23.42
C VAL B 185 -1.37 -8.69 -24.27
N PHE B 186 -0.33 -8.06 -23.67
CA PHE B 186 0.57 -7.19 -24.43
C PHE B 186 1.54 -7.98 -25.31
N GLU B 187 1.88 -9.22 -24.89
CA GLU B 187 2.75 -10.13 -25.66
C GLU B 187 1.97 -10.68 -26.83
N LYS B 188 0.74 -11.17 -26.58
CA LYS B 188 -0.14 -11.78 -27.56
C LYS B 188 -0.74 -10.75 -28.55
N HIS B 189 -1.14 -9.56 -28.05
CA HIS B 189 -1.74 -8.48 -28.85
C HIS B 189 -0.97 -7.16 -28.70
N PRO B 190 0.23 -7.03 -29.30
CA PRO B 190 1.01 -5.79 -29.17
C PRO B 190 0.29 -4.48 -29.56
N HIS B 191 -0.78 -4.56 -30.38
CA HIS B 191 -1.58 -3.37 -30.74
C HIS B 191 -2.25 -2.72 -29.51
N PHE B 192 -2.40 -3.47 -28.41
CA PHE B 192 -2.95 -2.96 -27.15
C PHE B 192 -1.99 -2.02 -26.42
N ILE B 193 -0.68 -2.14 -26.68
CA ILE B 193 0.33 -1.26 -26.12
C ILE B 193 0.07 0.18 -26.63
N ASP B 194 -0.11 0.35 -27.95
CA ASP B 194 -0.40 1.65 -28.59
C ASP B 194 -1.70 2.26 -28.08
N VAL B 195 -2.74 1.42 -27.93
CA VAL B 195 -4.04 1.83 -27.40
C VAL B 195 -3.88 2.33 -25.95
N PHE B 196 -3.17 1.55 -25.08
CA PHE B 196 -2.91 1.92 -23.70
C PHE B 196 -2.18 3.26 -23.58
N VAL B 197 -1.12 3.42 -24.35
CA VAL B 197 -0.31 4.64 -24.29
C VAL B 197 -1.12 5.90 -24.65
N HIS B 198 -1.92 5.85 -25.75
CA HIS B 198 -2.81 6.94 -26.14
C HIS B 198 -3.90 7.16 -25.08
N PHE B 199 -4.48 6.07 -24.50
CA PHE B 199 -5.43 6.20 -23.41
C PHE B 199 -4.78 6.97 -22.23
N GLY B 200 -3.57 6.56 -21.83
CA GLY B 200 -2.82 7.17 -20.73
C GLY B 200 -2.53 8.65 -20.93
N ILE B 201 -2.11 9.04 -22.15
CA ILE B 201 -1.85 10.45 -22.50
C ILE B 201 -3.17 11.27 -22.40
N ALA B 202 -4.25 10.78 -22.96
CA ALA B 202 -5.56 11.42 -22.89
C ALA B 202 -6.14 11.50 -21.44
N GLN B 203 -6.05 10.41 -20.66
CA GLN B 203 -6.55 10.35 -19.28
C GLN B 203 -5.84 11.37 -18.42
N SER B 204 -4.50 11.36 -18.45
CA SER B 204 -3.64 12.12 -17.56
C SER B 204 -3.79 13.62 -17.76
N SER B 205 -4.68 14.00 -18.67
CA SER B 205 -5.05 15.39 -18.96
C SER B 205 -6.21 15.80 -18.03
N THR B 206 -7.24 14.92 -17.86
CA THR B 206 -8.42 15.15 -16.98
C THR B 206 -7.99 15.41 -15.50
N ARG B 207 -8.81 16.15 -14.74
CA ARG B 207 -8.48 16.47 -13.35
C ARG B 207 -9.73 16.60 -12.49
N GLY B 208 -10.06 15.53 -11.75
CA GLY B 208 -11.25 15.50 -10.90
C GLY B 208 -11.05 14.95 -9.49
N GLY B 209 -12.16 14.58 -8.88
CA GLY B 209 -12.21 14.11 -7.51
C GLY B 209 -11.87 12.67 -7.25
N SER B 210 -11.72 11.84 -8.30
CA SER B 210 -11.43 10.44 -8.09
C SER B 210 -9.97 10.15 -7.67
N ARG B 211 -9.82 9.44 -6.55
CA ARG B 211 -8.54 9.01 -6.00
C ARG B 211 -7.81 8.10 -6.99
N VAL B 212 -8.52 7.13 -7.58
CA VAL B 212 -7.92 6.15 -8.48
C VAL B 212 -7.48 6.81 -9.79
N GLU B 213 -8.23 7.80 -10.30
CA GLU B 213 -7.84 8.51 -11.51
C GLU B 213 -6.50 9.26 -11.24
N GLY B 214 -6.33 9.75 -10.01
CA GLY B 214 -5.12 10.43 -9.56
C GLY B 214 -3.94 9.50 -9.47
N ILE B 215 -4.16 8.30 -8.88
CA ILE B 215 -3.14 7.27 -8.74
C ILE B 215 -2.68 6.83 -10.15
N PHE B 216 -3.64 6.54 -11.05
CA PHE B 216 -3.31 6.14 -12.42
C PHE B 216 -2.42 7.20 -13.10
N ALA B 217 -2.80 8.49 -13.00
CA ALA B 217 -2.03 9.55 -13.64
C ALA B 217 -0.57 9.60 -13.18
N GLY B 218 -0.34 9.42 -11.88
CA GLY B 218 1.00 9.39 -11.30
C GLY B 218 1.78 8.19 -11.78
N LEU B 219 1.13 7.00 -11.80
CA LEU B 219 1.72 5.74 -12.28
C LEU B 219 2.11 5.82 -13.76
N PHE B 220 1.21 6.37 -14.60
CA PHE B 220 1.46 6.52 -16.03
C PHE B 220 2.63 7.50 -16.31
N MET B 221 2.64 8.68 -15.66
CA MET B 221 3.69 9.70 -15.77
C MET B 221 5.07 9.08 -15.46
N ASN B 222 5.13 8.25 -14.39
CA ASN B 222 6.30 7.51 -13.89
C ASN B 222 6.93 6.57 -14.90
N ALA B 223 6.16 5.94 -15.80
CA ALA B 223 6.71 5.06 -16.84
C ALA B 223 7.77 5.78 -17.73
N TYR B 224 7.64 7.12 -17.86
CA TYR B 224 8.51 8.02 -18.64
C TYR B 224 9.66 8.60 -17.82
N GLY B 225 9.36 9.18 -16.65
CA GLY B 225 10.32 9.86 -15.79
C GLY B 225 10.58 9.30 -14.41
N LEU B 226 11.72 8.59 -14.31
CA LEU B 226 12.22 7.99 -13.09
C LEU B 226 13.72 8.21 -12.88
N GLU B 227 14.13 8.36 -11.60
CA GLU B 227 15.54 8.54 -11.24
C GLU B 227 16.12 7.23 -10.68
CL M81 C . 5.81 -11.17 13.52
C3 M81 C . 6.71 -12.00 14.75
C2 M81 C . 6.69 -11.50 16.04
C1 M81 C . 7.36 -12.18 17.04
C4 M81 C . 7.41 -13.16 14.42
C5 M81 C . 8.12 -13.78 15.45
C M81 C . 8.08 -13.31 16.74
C6 M81 C . 7.38 -13.71 13.02
N M81 C . 7.96 -15.05 12.92
N1 M81 C . 9.31 -15.15 12.69
C9 M81 C . 9.56 -16.46 12.69
C10 M81 C . 10.93 -17.03 12.41
O1 M81 C . 11.90 -16.31 12.76
O M81 C . 11.01 -18.16 11.86
C8 M81 C . 8.40 -17.20 12.92
C7 M81 C . 7.39 -16.28 13.06
C11 M81 C . 5.92 -16.61 13.32
O2 M81 C . 5.11 -15.65 13.45
O3 M81 C . 5.63 -17.83 13.38
H2 M81 C . 6.23 -10.53 16.23
H1 M81 C . 7.34 -11.81 18.07
H M81 C . 8.65 -13.83 17.53
H5 M81 C . 8.83 -14.59 15.23
H61C M81 C . 6.36 -13.73 12.63
H62C M81 C . 7.93 -13.03 12.38
H8 M81 C . 8.29 -18.29 12.98
S SO4 D . 11.01 -0.63 -8.72
O1 SO4 D . 10.67 0.78 -8.89
O2 SO4 D . 11.13 -1.27 -10.04
O3 SO4 D . 12.30 -0.74 -8.04
O4 SO4 D . 9.97 -1.30 -7.95
CL M81 E . -22.30 -9.12 -7.92
C3 M81 E . -23.66 -8.55 -8.83
C2 M81 E . -23.64 -8.71 -10.21
C1 M81 E . -24.72 -8.27 -10.96
C4 M81 E . -24.72 -7.92 -8.18
C5 M81 E . -25.74 -7.40 -8.98
C M81 E . -25.76 -7.61 -10.34
C6 M81 E . -24.78 -7.87 -6.68
N M81 E . -26.06 -7.42 -6.13
N1 M81 E . -26.24 -6.07 -5.98
C9 M81 E . -27.50 -5.95 -5.52
C10 M81 E . -28.10 -4.59 -5.20
O1 M81 E . -27.64 -3.61 -5.85
O M81 E . -28.99 -4.56 -4.32
C8 M81 E . -28.10 -7.21 -5.37
C7 M81 E . -27.16 -8.13 -5.76
C11 M81 E . -27.38 -9.66 -5.75
O2 M81 E . -26.44 -10.39 -6.12
O3 M81 E . -28.50 -10.07 -5.37
H2 M81 E . -22.74 -9.09 -10.70
H1 M81 E . -24.77 -8.48 -12.03
H M81 E . -26.61 -7.24 -10.93
H5 M81 E . -26.48 -6.73 -8.57
H61C M81 E . -24.51 -8.85 -6.23
H62C M81 E . -24.00 -7.18 -6.35
H8 M81 E . -29.11 -7.42 -5.00
#